data_6L05
#
_entry.id   6L05
#
_cell.length_a   120.430
_cell.length_b   120.430
_cell.length_c   42.680
_cell.angle_alpha   90.000
_cell.angle_beta   90.000
_cell.angle_gamma   120.000
#
_symmetry.space_group_name_H-M   'H 3'
#
loop_
_entity.id
_entity.type
_entity.pdbx_description
1 polymer 'Urokinase-type plasminogen activator'
2 non-polymer 3-azanyl-5-(azepan-1-yl)-6-(1-benzofuran-2-yl)-Ncarbamimidoyl-pyrazine-2-carboxamide
3 water water
#
_entity_poly.entity_id   1
_entity_poly.type   'polypeptide(L)'
_entity_poly.pdbx_seq_one_letter_code
;IIGGEFTTIENQPWFAAIYRRHRGGSVTYVCGGSLISPCWVISATHCFIDYPKKEDYIVYLGRSRLNSNTQGEMKFEVEN
LILHKDYSADTLAYHNDIALLKIRSKEGRCAQPSRTIQTIALPSMYNDPQFGTSCEITGFGKEQSTDYLYPEQLKMTVVK
LISHRECQQPHYYGSEVTTKMLCAADPQWKTDSCQGDSGGPLVCSLQGRMTLTGIVSWGRGCALKDKPGVYTRVSHFLPW
IRSHT
;
_entity_poly.pdbx_strand_id   U
#
# COMPACT_ATOMS: atom_id res chain seq x y z
N ILE A 1 9.38 -0.62 6.04
CA ILE A 1 10.36 -0.02 5.10
C ILE A 1 11.80 -0.25 5.62
N ILE A 2 12.61 -0.84 4.75
CA ILE A 2 14.06 -1.06 4.93
C ILE A 2 14.85 0.16 4.42
N GLY A 3 15.64 0.81 5.24
CA GLY A 3 16.31 2.04 4.82
C GLY A 3 15.33 3.19 4.69
N GLY A 4 15.57 4.09 3.72
CA GLY A 4 14.81 5.35 3.60
C GLY A 4 14.90 6.15 4.88
N GLU A 5 13.83 6.88 5.20
CA GLU A 5 13.80 7.96 6.22
C GLU A 5 12.50 7.88 7.00
N PHE A 6 12.50 8.45 8.18
CA PHE A 6 11.26 8.79 8.89
C PHE A 6 10.68 9.95 8.12
N THR A 7 9.36 10.09 8.21
CA THR A 7 8.53 11.18 7.65
C THR A 7 7.34 11.41 8.60
N THR A 8 6.42 12.27 8.20
CA THR A 8 5.16 12.57 8.92
C THR A 8 4.04 12.52 7.89
N ILE A 9 2.78 12.42 8.34
CA ILE A 9 1.63 12.14 7.41
C ILE A 9 1.51 13.31 6.43
N GLU A 10 2.02 14.49 6.78
CA GLU A 10 2.03 15.66 5.86
C GLU A 10 2.78 15.40 4.53
N ASN A 11 3.67 14.41 4.44
CA ASN A 11 4.46 14.10 3.22
C ASN A 11 3.82 12.95 2.43
N GLN A 12 2.78 12.30 3.00
CA GLN A 12 1.96 11.26 2.32
C GLN A 12 0.58 11.33 2.92
N PRO A 13 -0.10 12.48 2.74
CA PRO A 13 -1.35 12.78 3.42
C PRO A 13 -2.55 11.92 2.96
N TRP A 14 -2.34 11.05 1.97
CA TRP A 14 -3.34 10.05 1.54
C TRP A 14 -3.12 8.72 2.27
N PHE A 15 -1.99 8.57 3.00
CA PHE A 15 -1.61 7.26 3.58
C PHE A 15 -2.64 6.88 4.64
N ALA A 16 -3.17 5.65 4.57
CA ALA A 16 -4.20 5.15 5.51
C ALA A 16 -3.59 4.06 6.39
N ALA A 17 -3.64 4.21 7.73
CA ALA A 17 -3.26 3.15 8.70
C ALA A 17 -4.48 2.26 9.00
N ILE A 18 -4.39 0.96 8.69
CA ILE A 18 -5.49 -0.05 8.84
C ILE A 18 -5.17 -1.05 9.97
N TYR A 19 -6.09 -1.19 10.92
CA TYR A 19 -5.96 -2.03 12.14
C TYR A 19 -7.13 -3.01 12.25
N ARG A 20 -7.04 -3.96 13.18
CA ARG A 20 -8.07 -5.01 13.41
C ARG A 20 -8.31 -5.21 14.90
N ARG A 21 -9.58 -5.23 15.33
CA ARG A 21 -9.97 -5.61 16.72
C ARG A 21 -9.85 -7.12 16.87
N HIS A 22 -9.08 -7.59 17.84
CA HIS A 22 -9.14 -8.98 18.37
C HIS A 22 -10.40 -9.16 19.21
N ARG A 23 -10.98 -10.37 19.23
CA ARG A 23 -12.01 -10.76 20.25
C ARG A 23 -11.34 -10.61 21.62
N GLY A 24 -11.81 -9.66 22.44
CA GLY A 24 -11.16 -9.23 23.68
C GLY A 24 -10.81 -7.75 23.64
N GLY A 25 -10.67 -7.20 22.44
CA GLY A 25 -10.63 -5.73 22.22
C GLY A 25 -9.22 -5.18 22.18
N SER A 26 -8.20 -6.02 22.02
CA SER A 26 -6.86 -5.55 21.59
C SER A 26 -6.91 -5.19 20.09
N VAL A 27 -6.17 -4.15 19.68
CA VAL A 27 -6.10 -3.66 18.27
C VAL A 27 -4.67 -3.80 17.75
N THR A 28 -4.45 -4.60 16.70
CA THR A 28 -3.13 -4.77 16.03
C THR A 28 -3.15 -4.10 14.64
N TYR A 29 -2.00 -3.66 14.15
CA TYR A 29 -1.87 -2.99 12.84
C TYR A 29 -1.90 -4.04 11.73
N VAL A 30 -2.65 -3.78 10.66
CA VAL A 30 -2.78 -4.76 9.54
C VAL A 30 -1.87 -4.33 8.39
N CYS A 31 -2.16 -3.19 7.79
CA CYS A 31 -1.66 -2.87 6.43
C CYS A 31 -1.80 -1.36 6.21
N GLY A 32 -1.09 -0.86 5.22
CA GLY A 32 -1.35 0.50 4.72
C GLY A 32 -2.47 0.49 3.70
N GLY A 33 -2.70 1.69 3.17
CA GLY A 33 -3.59 1.98 2.04
C GLY A 33 -3.50 3.45 1.66
N SER A 34 -4.36 3.85 0.73
CA SER A 34 -4.37 5.19 0.11
C SER A 34 -5.81 5.61 -0.11
N LEU A 35 -6.13 6.78 0.41
CA LEU A 35 -7.36 7.54 0.11
C LEU A 35 -7.32 8.05 -1.34
N ILE A 36 -8.24 7.56 -2.17
CA ILE A 36 -8.38 7.91 -3.62
C ILE A 36 -9.64 8.75 -3.82
N SER A 37 -10.53 8.78 -2.84
CA SER A 37 -11.70 9.70 -2.74
C SER A 37 -12.07 9.79 -1.27
N PRO A 38 -12.93 10.74 -0.88
CA PRO A 38 -13.24 10.95 0.54
C PRO A 38 -13.85 9.73 1.23
N CYS A 39 -14.52 8.84 0.50
CA CYS A 39 -15.17 7.66 1.13
C CYS A 39 -14.37 6.38 0.85
N TRP A 40 -13.28 6.41 0.10
CA TRP A 40 -12.66 5.17 -0.42
C TRP A 40 -11.15 5.10 -0.18
N VAL A 41 -10.71 4.04 0.50
CA VAL A 41 -9.28 3.64 0.64
C VAL A 41 -9.04 2.38 -0.19
N ILE A 42 -7.91 2.34 -0.86
CA ILE A 42 -7.48 1.18 -1.68
C ILE A 42 -6.26 0.56 -0.99
N SER A 43 -6.26 -0.76 -0.94
CA SER A 43 -5.24 -1.56 -0.23
C SER A 43 -5.01 -2.87 -1.03
N ALA A 44 -4.46 -3.87 -0.36
CA ALA A 44 -4.21 -5.20 -0.93
C ALA A 44 -5.20 -6.17 -0.27
N THR A 45 -5.90 -6.98 -1.08
CA THR A 45 -6.80 -8.08 -0.64
C THR A 45 -6.07 -9.03 0.32
N HIS A 46 -4.81 -9.41 0.06
CA HIS A 46 -4.08 -10.40 0.90
C HIS A 46 -4.10 -9.93 2.36
N CYS A 47 -4.16 -8.62 2.62
CA CYS A 47 -4.29 -8.03 3.98
C CYS A 47 -5.51 -8.55 4.72
N PHE A 48 -6.64 -8.81 4.07
CA PHE A 48 -7.94 -8.97 4.78
C PHE A 48 -8.49 -10.39 4.65
N ILE A 49 -7.87 -11.19 3.78
CA ILE A 49 -8.42 -12.46 3.24
C ILE A 49 -8.63 -13.46 4.40
N ASP A 50 -7.72 -13.43 5.39
CA ASP A 50 -7.73 -14.34 6.57
C ASP A 50 -8.86 -13.95 7.54
N TYR A 51 -9.15 -12.66 7.65
CA TYR A 51 -10.21 -12.14 8.56
C TYR A 51 -11.11 -11.18 7.79
N PRO A 52 -11.91 -11.71 6.84
CA PRO A 52 -12.65 -10.87 5.89
C PRO A 52 -13.91 -10.14 6.42
N LYS A 53 -14.16 -10.16 7.73
CA LYS A 53 -15.32 -9.49 8.37
C LYS A 53 -14.96 -8.01 8.59
N LYS A 54 -15.68 -7.10 7.93
CA LYS A 54 -15.41 -5.64 7.87
C LYS A 54 -15.55 -4.98 9.25
N GLU A 55 -16.51 -5.44 10.05
CA GLU A 55 -16.73 -4.98 11.46
C GLU A 55 -15.46 -5.11 12.29
N ASP A 56 -14.51 -5.96 11.88
CA ASP A 56 -13.26 -6.20 12.66
C ASP A 56 -12.34 -5.01 12.48
N TYR A 57 -12.53 -4.18 11.45
CA TYR A 57 -11.45 -3.29 10.98
C TYR A 57 -11.68 -1.86 11.43
N ILE A 58 -10.58 -1.15 11.49
CA ILE A 58 -10.51 0.29 11.82
C ILE A 58 -9.52 0.94 10.86
N VAL A 59 -9.88 2.11 10.31
CA VAL A 59 -8.98 2.89 9.41
C VAL A 59 -8.70 4.27 10.01
N TYR A 60 -7.44 4.65 10.06
CA TYR A 60 -7.07 6.02 10.45
C TYR A 60 -6.51 6.75 9.24
N LEU A 61 -6.90 8.00 9.07
CA LEU A 61 -6.22 8.97 8.19
C LEU A 61 -5.55 10.03 9.07
N GLY A 62 -4.61 10.76 8.49
CA GLY A 62 -3.82 11.81 9.16
C GLY A 62 -3.00 11.31 10.35
N ARG A 63 -2.53 10.08 10.32
CA ARG A 63 -1.75 9.42 11.40
C ARG A 63 -0.30 9.22 10.99
N SER A 64 0.63 9.72 11.80
CA SER A 64 2.11 9.63 11.59
C SER A 64 2.72 8.52 12.45
N ARG A 65 2.03 8.02 13.48
CA ARG A 65 2.62 7.06 14.46
C ARG A 65 1.67 5.87 14.69
N LEU A 66 2.24 4.71 14.99
CA LEU A 66 1.60 3.37 14.96
C LEU A 66 0.66 3.25 16.17
N ASN A 67 1.14 3.59 17.36
CA ASN A 67 0.43 3.32 18.64
C ASN A 67 0.25 4.59 19.48
N SER A 68 0.55 5.76 18.92
CA SER A 68 0.21 7.11 19.49
C SER A 68 -0.76 7.81 18.53
N ASN A 69 -1.64 8.67 19.06
CA ASN A 69 -2.56 9.53 18.28
C ASN A 69 -1.72 10.69 17.75
N THR A 70 -2.12 11.18 16.58
CA THR A 70 -1.54 12.36 15.87
C THR A 70 -2.64 13.42 15.84
N GLN A 71 -2.31 14.62 16.29
CA GLN A 71 -3.24 15.77 16.28
C GLN A 71 -3.83 15.85 14.86
N GLY A 72 -5.15 15.88 14.74
CA GLY A 72 -5.86 15.96 13.45
C GLY A 72 -6.28 14.61 12.90
N GLU A 73 -5.83 13.48 13.43
CA GLU A 73 -6.16 12.17 12.80
C GLU A 73 -7.70 12.00 12.83
N MET A 74 -8.26 11.23 11.87
CA MET A 74 -9.70 10.83 11.84
C MET A 74 -9.75 9.29 11.86
N LYS A 75 -10.65 8.71 12.67
CA LYS A 75 -10.84 7.23 12.84
C LYS A 75 -12.08 6.77 12.08
N PHE A 76 -12.00 5.68 11.33
CA PHE A 76 -13.17 5.19 10.55
C PHE A 76 -13.46 3.72 10.81
N GLU A 77 -14.75 3.38 10.79
CA GLU A 77 -15.27 2.00 10.58
C GLU A 77 -15.27 1.69 9.09
N VAL A 78 -15.26 0.40 8.73
CA VAL A 78 -15.36 -0.02 7.31
C VAL A 78 -16.83 -0.28 6.99
N GLU A 79 -17.45 0.54 6.15
CA GLU A 79 -18.88 0.34 5.79
C GLU A 79 -18.95 -0.73 4.70
N ASN A 80 -17.90 -0.81 3.86
CA ASN A 80 -17.75 -1.86 2.83
C ASN A 80 -16.29 -2.31 2.75
N LEU A 81 -16.09 -3.63 2.59
CA LEU A 81 -14.78 -4.27 2.36
C LEU A 81 -14.91 -5.12 1.09
N ILE A 82 -14.37 -4.61 -0.02
CA ILE A 82 -14.48 -5.17 -1.39
C ILE A 82 -13.15 -5.83 -1.76
N LEU A 83 -13.11 -7.17 -1.79
CA LEU A 83 -11.91 -7.98 -2.15
C LEU A 83 -12.04 -8.36 -3.63
N HIS A 84 -10.94 -8.50 -4.36
CA HIS A 84 -10.97 -8.74 -5.82
C HIS A 84 -11.38 -10.21 -6.00
N LYS A 85 -12.55 -10.45 -6.61
CA LYS A 85 -13.07 -11.77 -7.05
C LYS A 85 -11.95 -12.70 -7.55
N ASP A 86 -10.96 -12.21 -8.34
CA ASP A 86 -9.96 -13.11 -9.00
C ASP A 86 -8.63 -13.17 -8.25
N TYR A 87 -8.61 -12.80 -6.97
CA TYR A 87 -7.45 -13.02 -6.07
C TYR A 87 -7.06 -14.50 -6.05
N SER A 88 -5.75 -14.74 -5.98
CA SER A 88 -5.16 -16.06 -5.67
C SER A 88 -3.79 -15.83 -5.04
N ALA A 89 -3.36 -16.82 -4.27
CA ALA A 89 -2.03 -16.92 -3.63
C ALA A 89 -1.33 -18.22 -4.07
N ASP A 90 -0.15 -18.11 -4.72
CA ASP A 90 0.80 -19.25 -4.96
C ASP A 90 1.90 -19.18 -3.90
N THR A 91 3.06 -19.79 -4.14
CA THR A 91 4.19 -19.81 -3.17
C THR A 91 4.50 -18.39 -2.71
N LEU A 92 4.81 -17.52 -3.66
CA LEU A 92 5.35 -16.15 -3.44
C LEU A 92 4.25 -15.13 -3.76
N ALA A 93 3.67 -15.22 -4.95
CA ALA A 93 2.99 -14.09 -5.62
C ALA A 93 1.52 -14.07 -5.27
N TYR A 94 1.00 -12.90 -4.87
CA TYR A 94 -0.44 -12.56 -4.90
C TYR A 94 -0.80 -12.10 -6.31
N HIS A 95 -1.94 -12.54 -6.82
CA HIS A 95 -2.56 -12.09 -8.09
C HIS A 95 -3.82 -11.31 -7.72
N ASN A 96 -4.08 -10.21 -8.42
CA ASN A 96 -5.23 -9.30 -8.21
C ASN A 96 -5.24 -8.85 -6.74
N ASP A 97 -4.08 -8.41 -6.25
CA ASP A 97 -3.86 -8.01 -4.83
C ASP A 97 -4.32 -6.56 -4.70
N ILE A 98 -5.64 -6.40 -4.57
CA ILE A 98 -6.31 -5.07 -4.62
C ILE A 98 -7.63 -5.21 -3.85
N ALA A 99 -7.89 -4.22 -3.00
CA ALA A 99 -9.08 -4.17 -2.15
C ALA A 99 -9.51 -2.71 -2.00
N LEU A 100 -10.78 -2.51 -1.70
CA LEU A 100 -11.41 -1.20 -1.52
C LEU A 100 -12.13 -1.19 -0.19
N LEU A 101 -11.82 -0.23 0.69
CA LEU A 101 -12.55 -0.05 1.97
C LEU A 101 -13.29 1.28 1.87
N LYS A 102 -14.60 1.22 2.02
CA LYS A 102 -15.45 2.43 2.08
C LYS A 102 -15.50 2.78 3.56
N ILE A 103 -14.96 3.94 3.91
CA ILE A 103 -14.78 4.41 5.31
C ILE A 103 -15.99 5.27 5.68
N ARG A 104 -16.43 5.16 6.93
CA ARG A 104 -17.50 6.02 7.51
C ARG A 104 -17.27 6.10 9.03
N SER A 105 -17.42 7.29 9.61
CA SER A 105 -17.25 7.52 11.07
C SER A 105 -18.55 7.12 11.81
N LYS A 106 -18.45 6.93 13.14
CA LYS A 106 -19.60 6.71 14.05
C LYS A 106 -20.65 7.78 13.82
N GLU A 107 -20.19 9.01 13.54
CA GLU A 107 -21.09 10.15 13.22
C GLU A 107 -21.34 10.18 11.70
N GLY A 108 -20.99 9.08 10.99
CA GLY A 108 -21.43 8.80 9.60
C GLY A 108 -20.82 9.71 8.55
N ARG A 109 -19.56 10.10 8.71
CA ARG A 109 -18.90 10.99 7.72
C ARG A 109 -17.71 10.27 7.06
N CYS A 110 -17.45 10.65 5.82
CA CYS A 110 -16.22 10.32 5.06
C CYS A 110 -15.08 11.25 5.48
N ALA A 111 -13.91 11.07 4.87
CA ALA A 111 -12.74 11.94 5.05
C ALA A 111 -13.11 13.41 4.79
N GLN A 112 -12.61 14.29 5.67
CA GLN A 112 -12.60 15.77 5.55
C GLN A 112 -11.15 16.20 5.28
N PRO A 113 -10.81 16.55 4.00
CA PRO A 113 -9.44 16.90 3.67
C PRO A 113 -8.93 18.04 4.56
N SER A 114 -7.66 17.94 4.92
CA SER A 114 -6.96 18.80 5.87
C SER A 114 -5.50 18.86 5.44
N ARG A 115 -4.62 19.46 6.24
CA ARG A 115 -3.16 19.50 5.91
C ARG A 115 -2.59 18.08 6.00
N THR A 116 -3.13 17.23 6.86
CA THR A 116 -2.66 15.86 7.11
C THR A 116 -3.49 14.82 6.34
N ILE A 117 -4.58 15.21 5.67
CA ILE A 117 -5.49 14.25 4.97
C ILE A 117 -5.84 14.81 3.59
N GLN A 118 -5.42 14.09 2.54
CA GLN A 118 -5.61 14.50 1.13
C GLN A 118 -5.86 13.23 0.32
N THR A 119 -6.42 13.32 -0.88
CA THR A 119 -6.53 12.15 -1.79
C THR A 119 -5.32 12.16 -2.69
N ILE A 120 -5.10 11.03 -3.33
CA ILE A 120 -4.06 10.84 -4.38
C ILE A 120 -4.79 10.47 -5.68
N ALA A 121 -4.27 10.91 -6.80
CA ALA A 121 -4.88 10.59 -8.12
C ALA A 121 -4.56 9.14 -8.50
N LEU A 122 -5.47 8.46 -9.20
CA LEU A 122 -5.19 7.23 -9.95
C LEU A 122 -4.50 7.63 -11.22
N PRO A 123 -3.70 6.75 -11.87
CA PRO A 123 -3.09 7.08 -13.14
C PRO A 123 -4.18 7.00 -14.23
N SER A 124 -3.87 7.49 -15.41
CA SER A 124 -4.67 7.21 -16.61
C SER A 124 -4.36 5.76 -16.97
N MET A 125 -5.40 5.04 -17.35
CA MET A 125 -5.42 3.72 -18.00
C MET A 125 -4.09 3.36 -18.68
N TYR A 126 -3.47 2.23 -18.28
CA TYR A 126 -2.32 1.57 -18.95
C TYR A 126 -1.20 2.60 -19.21
N ASN A 127 -1.14 3.64 -18.35
CA ASN A 127 -0.13 4.72 -18.42
C ASN A 127 0.71 4.72 -17.14
N ASP A 128 1.95 4.24 -17.25
CA ASP A 128 2.93 4.18 -16.15
C ASP A 128 4.24 4.80 -16.61
N PRO A 129 5.07 5.33 -15.68
CA PRO A 129 6.35 5.96 -16.04
C PRO A 129 7.33 4.95 -16.65
N GLN A 130 8.39 5.43 -17.30
CA GLN A 130 9.41 4.53 -17.90
C GLN A 130 10.18 3.81 -16.78
N PHE A 131 10.75 2.65 -17.08
CA PHE A 131 11.72 1.95 -16.22
C PHE A 131 12.78 2.98 -15.78
N GLY A 132 13.35 2.82 -14.59
CA GLY A 132 14.32 3.74 -13.99
C GLY A 132 13.68 5.01 -13.40
N THR A 133 12.40 5.24 -13.62
CA THR A 133 11.66 6.32 -12.89
C THR A 133 11.76 6.03 -11.40
N SER A 134 11.96 7.09 -10.61
CA SER A 134 12.08 7.06 -9.14
C SER A 134 10.70 7.31 -8.57
N CYS A 135 10.16 6.38 -7.81
CA CYS A 135 8.88 6.56 -7.08
C CYS A 135 9.12 6.39 -5.59
N GLU A 136 8.18 6.82 -4.76
CA GLU A 136 8.23 6.73 -3.30
C GLU A 136 7.30 5.61 -2.81
N ILE A 137 7.68 5.01 -1.68
CA ILE A 137 6.79 4.07 -0.93
C ILE A 137 6.74 4.50 0.53
N THR A 138 5.68 4.13 1.21
CA THR A 138 5.40 4.63 2.57
C THR A 138 4.76 3.50 3.34
N GLY A 139 5.15 3.35 4.62
CA GLY A 139 4.43 2.46 5.55
C GLY A 139 5.04 2.38 6.94
N PHE A 140 4.41 1.55 7.76
CA PHE A 140 4.79 1.23 9.16
C PHE A 140 5.40 -0.17 9.22
N GLY A 141 5.74 -0.74 8.05
CA GLY A 141 6.34 -2.08 7.92
C GLY A 141 7.72 -2.14 8.58
N LYS A 142 8.26 -3.34 8.70
CA LYS A 142 9.51 -3.58 9.46
C LYS A 142 10.65 -2.76 8.84
N GLU A 143 11.63 -2.40 9.69
CA GLU A 143 12.89 -1.70 9.32
C GLU A 143 13.95 -2.73 8.93
N GLN A 144 13.77 -3.99 9.36
CA GLN A 144 14.69 -5.14 9.12
C GLN A 144 13.82 -6.42 9.05
N SER A 145 14.12 -7.33 8.11
CA SER A 145 13.38 -8.61 7.90
C SER A 145 13.23 -9.36 9.23
N THR A 146 14.30 -9.34 10.03
CA THR A 146 14.44 -10.02 11.35
C THR A 146 13.68 -9.29 12.49
N ASP A 147 13.27 -8.02 12.33
CA ASP A 147 12.69 -7.22 13.44
C ASP A 147 11.43 -7.92 13.93
N TYR A 148 11.20 -7.86 15.24
CA TYR A 148 9.96 -8.40 15.84
C TYR A 148 8.85 -7.37 15.69
N LEU A 149 9.17 -6.13 16.08
CA LEU A 149 8.22 -4.99 16.13
C LEU A 149 8.20 -4.21 14.80
N TYR A 150 7.11 -3.46 14.60
CA TYR A 150 6.95 -2.42 13.57
C TYR A 150 7.48 -1.09 14.11
N PRO A 151 7.97 -0.16 13.26
CA PRO A 151 8.32 1.18 13.74
C PRO A 151 7.08 1.90 14.27
N GLU A 152 7.30 2.81 15.21
CA GLU A 152 6.28 3.71 15.82
C GLU A 152 5.97 4.86 14.84
N GLN A 153 6.89 5.15 13.95
CA GLN A 153 6.88 6.36 13.10
C GLN A 153 6.82 5.93 11.64
N LEU A 154 6.05 6.66 10.85
CA LEU A 154 5.85 6.35 9.43
C LEU A 154 7.21 6.45 8.73
N LYS A 155 7.44 5.64 7.71
CA LYS A 155 8.68 5.76 6.94
C LYS A 155 8.32 5.93 5.47
N MET A 156 9.25 6.47 4.71
CA MET A 156 9.26 6.46 3.24
C MET A 156 10.70 6.25 2.75
N THR A 157 10.81 5.75 1.55
CA THR A 157 12.08 5.54 0.83
C THR A 157 11.74 5.68 -0.65
N VAL A 158 12.77 5.50 -1.48
CA VAL A 158 12.75 5.76 -2.95
C VAL A 158 13.17 4.48 -3.63
N VAL A 159 12.41 4.00 -4.61
CA VAL A 159 12.81 2.82 -5.43
C VAL A 159 12.66 3.18 -6.90
N LYS A 160 13.40 2.45 -7.74
CA LYS A 160 13.44 2.62 -9.20
C LYS A 160 12.58 1.51 -9.82
N LEU A 161 11.57 1.94 -10.57
CA LEU A 161 10.77 1.06 -11.47
C LEU A 161 11.74 0.24 -12.32
N ILE A 162 11.52 -1.07 -12.31
CA ILE A 162 12.30 -2.09 -13.06
C ILE A 162 11.43 -2.53 -14.24
N SER A 163 12.01 -2.62 -15.44
CA SER A 163 11.38 -3.17 -16.67
C SER A 163 10.74 -4.52 -16.34
N HIS A 164 9.51 -4.74 -16.82
CA HIS A 164 8.76 -6.03 -16.91
C HIS A 164 9.72 -7.15 -17.34
N ARG A 165 10.52 -6.90 -18.38
CA ARG A 165 11.40 -7.90 -19.02
C ARG A 165 12.50 -8.31 -18.03
N GLU A 166 13.11 -7.34 -17.33
CA GLU A 166 14.14 -7.56 -16.27
C GLU A 166 13.53 -8.24 -15.04
N CYS A 167 12.30 -7.92 -14.65
CA CYS A 167 11.69 -8.57 -13.46
C CYS A 167 11.37 -10.05 -13.75
N GLN A 168 11.17 -10.41 -15.03
CA GLN A 168 10.74 -11.77 -15.44
C GLN A 168 11.96 -12.69 -15.60
N GLN A 169 13.20 -12.17 -15.49
CA GLN A 169 14.46 -12.98 -15.56
C GLN A 169 14.40 -14.07 -14.49
N PRO A 170 14.85 -15.30 -14.80
CA PRO A 170 14.59 -16.46 -13.93
C PRO A 170 15.10 -16.26 -12.48
N HIS A 171 16.17 -15.49 -12.32
CA HIS A 171 16.94 -15.28 -11.06
C HIS A 171 16.36 -14.08 -10.31
N TYR A 172 15.45 -13.34 -10.94
CA TYR A 172 14.49 -12.42 -10.26
C TYR A 172 13.26 -13.27 -9.89
N TYR A 173 12.11 -13.08 -10.55
CA TYR A 173 10.85 -13.79 -10.18
C TYR A 173 10.34 -14.72 -11.28
N GLY A 174 11.01 -14.83 -12.43
CA GLY A 174 10.49 -15.59 -13.59
C GLY A 174 9.09 -15.14 -13.97
N SER A 175 8.12 -16.06 -14.06
CA SER A 175 6.72 -15.81 -14.52
C SER A 175 5.82 -15.39 -13.36
N GLU A 176 6.32 -15.40 -12.12
CA GLU A 176 5.54 -14.97 -10.92
C GLU A 176 4.99 -13.57 -11.12
N VAL A 177 5.72 -12.73 -11.87
CA VAL A 177 5.33 -11.33 -12.20
C VAL A 177 4.67 -11.28 -13.60
N THR A 178 3.40 -10.88 -13.61
CA THR A 178 2.52 -10.69 -14.79
C THR A 178 2.48 -9.20 -15.12
N THR A 179 1.76 -8.81 -16.18
CA THR A 179 1.61 -7.41 -16.66
C THR A 179 0.72 -6.60 -15.68
N LYS A 180 -0.03 -7.25 -14.80
CA LYS A 180 -0.88 -6.57 -13.77
C LYS A 180 -0.06 -6.28 -12.50
N MET A 181 1.26 -6.45 -12.56
CA MET A 181 2.20 -6.18 -11.44
C MET A 181 3.27 -5.21 -11.90
N LEU A 182 4.02 -4.63 -10.96
CA LEU A 182 5.21 -3.81 -11.24
C LEU A 182 6.29 -4.25 -10.25
N CYS A 183 7.55 -4.13 -10.64
CA CYS A 183 8.72 -4.31 -9.77
C CYS A 183 9.38 -2.98 -9.57
N ALA A 184 9.88 -2.76 -8.38
CA ALA A 184 10.73 -1.60 -8.09
C ALA A 184 11.74 -2.03 -7.05
N ALA A 185 12.93 -1.46 -7.14
CA ALA A 185 14.06 -1.79 -6.26
C ALA A 185 15.04 -0.62 -6.25
N ASP A 186 15.93 -0.67 -5.27
CA ASP A 186 17.15 0.16 -5.15
C ASP A 186 18.22 -0.48 -6.05
N PRO A 187 19.00 0.33 -6.81
CA PRO A 187 20.12 -0.24 -7.58
C PRO A 187 21.06 -1.08 -6.70
N GLN A 188 21.23 -0.70 -5.43
CA GLN A 188 22.09 -1.42 -4.44
C GLN A 188 21.28 -2.40 -3.58
N TRP A 189 19.97 -2.55 -3.79
CA TRP A 189 19.08 -3.48 -3.02
C TRP A 189 19.07 -3.14 -1.53
N LYS A 190 19.46 -1.92 -1.16
CA LYS A 190 19.69 -1.51 0.25
C LYS A 190 18.44 -0.84 0.87
N THR A 191 17.39 -0.53 0.10
CA THR A 191 16.13 0.04 0.66
C THR A 191 14.95 -0.62 -0.03
N ASP A 192 13.83 -0.77 0.70
CA ASP A 192 12.70 -1.58 0.20
C ASP A 192 11.49 -1.57 1.15
N SER A 193 10.36 -2.02 0.60
CA SER A 193 9.16 -2.43 1.34
C SER A 193 9.44 -3.79 1.99
N CYS A 194 8.60 -4.12 2.98
CA CYS A 194 8.70 -5.31 3.87
C CYS A 194 7.36 -5.61 4.56
N GLN A 195 7.30 -6.72 5.30
CA GLN A 195 6.14 -7.04 6.17
C GLN A 195 5.68 -5.78 6.92
N GLY A 196 4.35 -5.55 6.92
CA GLY A 196 3.66 -4.34 7.43
C GLY A 196 3.43 -3.24 6.40
N ASP A 197 4.11 -3.23 5.23
CA ASP A 197 3.97 -2.15 4.20
C ASP A 197 2.90 -2.49 3.15
N SER A 198 2.33 -3.70 3.19
CA SER A 198 1.40 -4.20 2.14
C SER A 198 0.13 -3.33 2.13
N GLY A 199 -0.41 -3.09 0.95
CA GLY A 199 -1.58 -2.21 0.77
C GLY A 199 -1.19 -0.75 0.64
N GLY A 200 0.05 -0.38 0.91
CA GLY A 200 0.47 1.04 0.97
C GLY A 200 0.82 1.57 -0.42
N PRO A 201 1.03 2.90 -0.55
CA PRO A 201 1.23 3.53 -1.84
C PRO A 201 2.64 3.42 -2.43
N LEU A 202 2.70 3.08 -3.71
CA LEU A 202 3.83 3.39 -4.62
C LEU A 202 3.44 4.61 -5.44
N VAL A 203 4.05 5.76 -5.16
CA VAL A 203 3.65 7.07 -5.76
C VAL A 203 4.74 7.48 -6.76
N CYS A 204 4.34 7.78 -7.99
CA CYS A 204 5.21 8.37 -9.04
C CYS A 204 4.63 9.72 -9.53
N SER A 205 5.51 10.63 -9.97
CA SER A 205 5.16 11.87 -10.69
C SER A 205 4.90 11.49 -12.16
N LEU A 206 3.68 11.71 -12.64
CA LEU A 206 3.25 11.27 -13.99
C LEU A 206 2.37 12.36 -14.57
N GLN A 207 2.62 12.74 -15.84
CA GLN A 207 2.23 14.07 -16.36
C GLN A 207 2.42 15.05 -15.19
N GLY A 208 3.65 15.12 -14.68
CA GLY A 208 4.03 15.95 -13.52
C GLY A 208 2.88 16.09 -12.52
N ARG A 209 2.48 14.99 -11.88
CA ARG A 209 1.41 14.93 -10.86
C ARG A 209 1.67 13.74 -9.94
N MET A 210 1.44 13.87 -8.63
CA MET A 210 1.53 12.73 -7.67
C MET A 210 0.37 11.76 -7.94
N THR A 211 0.71 10.54 -8.40
CA THR A 211 -0.18 9.51 -9.01
C THR A 211 0.07 8.15 -8.33
N LEU A 212 -0.98 7.45 -7.92
CA LEU A 212 -0.86 6.12 -7.27
C LEU A 212 -0.57 5.04 -8.33
N THR A 213 0.69 4.75 -8.59
CA THR A 213 1.12 3.83 -9.67
C THR A 213 1.05 2.39 -9.14
N GLY A 214 1.23 2.22 -7.84
CA GLY A 214 1.37 0.90 -7.20
C GLY A 214 0.77 0.82 -5.80
N ILE A 215 0.43 -0.42 -5.43
CA ILE A 215 0.04 -0.91 -4.08
C ILE A 215 1.00 -2.04 -3.73
N VAL A 216 1.78 -1.86 -2.66
CA VAL A 216 2.69 -2.91 -2.08
C VAL A 216 1.93 -4.25 -2.08
N SER A 217 2.49 -5.30 -2.69
CA SER A 217 1.85 -6.64 -2.73
C SER A 217 2.76 -7.71 -2.12
N TRP A 218 3.97 -7.90 -2.65
CA TRP A 218 4.83 -9.02 -2.24
C TRP A 218 6.27 -8.80 -2.68
N GLY A 219 7.04 -9.66 -2.08
CA GLY A 219 8.42 -9.87 -2.57
C GLY A 219 9.09 -10.96 -1.76
N ARG A 220 10.11 -11.50 -2.25
CA ARG A 220 10.92 -12.52 -1.53
C ARG A 220 11.92 -11.82 -0.60
N GLY A 221 11.64 -12.00 0.69
CA GLY A 221 12.48 -11.37 1.71
C GLY A 221 12.17 -9.91 1.59
N CYS A 222 13.07 -9.04 2.06
CA CYS A 222 13.04 -7.59 1.87
C CYS A 222 14.48 -7.12 1.64
N ALA A 223 14.69 -6.23 0.67
CA ALA A 223 16.00 -5.65 0.35
C ALA A 223 17.01 -6.77 0.11
N LEU A 224 16.58 -7.84 -0.56
CA LEU A 224 17.43 -8.94 -1.08
C LEU A 224 17.75 -8.66 -2.56
N LYS A 225 19.02 -8.87 -2.93
CA LYS A 225 19.55 -8.73 -4.31
C LYS A 225 18.72 -9.62 -5.25
N ASP A 226 18.42 -9.10 -6.44
CA ASP A 226 17.56 -9.74 -7.46
C ASP A 226 16.18 -10.08 -6.91
N LYS A 227 15.70 -9.36 -5.88
CA LYS A 227 14.37 -9.59 -5.28
C LYS A 227 13.75 -8.23 -5.06
N PRO A 228 13.23 -7.61 -6.13
CA PRO A 228 12.51 -6.35 -6.02
C PRO A 228 11.25 -6.45 -5.14
N GLY A 229 10.68 -5.31 -4.82
CA GLY A 229 9.29 -5.25 -4.39
C GLY A 229 8.36 -5.47 -5.56
N VAL A 230 7.27 -6.21 -5.34
CA VAL A 230 6.20 -6.35 -6.36
C VAL A 230 4.97 -5.60 -5.92
N TYR A 231 4.42 -4.85 -6.86
CA TYR A 231 3.35 -3.85 -6.65
C TYR A 231 2.16 -4.22 -7.53
N THR A 232 0.95 -4.03 -7.03
CA THR A 232 -0.24 -4.14 -7.90
C THR A 232 -0.21 -2.91 -8.80
N ARG A 233 -0.22 -3.13 -10.11
CA ARG A 233 -0.16 -2.08 -11.15
C ARG A 233 -1.52 -1.40 -11.27
N VAL A 234 -1.76 -0.33 -10.52
CA VAL A 234 -3.10 0.33 -10.48
C VAL A 234 -3.59 0.66 -11.89
N SER A 235 -2.74 0.98 -12.87
CA SER A 235 -3.23 1.46 -14.20
C SER A 235 -3.94 0.35 -15.03
N HIS A 236 -3.78 -0.93 -14.66
CA HIS A 236 -4.53 -2.09 -15.22
C HIS A 236 -5.74 -2.47 -14.36
N PHE A 237 -6.28 -1.57 -13.53
CA PHE A 237 -7.42 -1.95 -12.65
C PHE A 237 -8.46 -0.82 -12.52
N LEU A 238 -8.44 0.18 -13.40
CA LEU A 238 -9.35 1.34 -13.30
C LEU A 238 -10.81 0.92 -13.49
N PRO A 239 -11.15 -0.02 -14.42
CA PRO A 239 -12.54 -0.44 -14.60
C PRO A 239 -13.08 -1.02 -13.28
N TRP A 240 -12.38 -2.02 -12.74
CA TRP A 240 -12.61 -2.56 -11.38
C TRP A 240 -12.75 -1.40 -10.39
N ILE A 241 -11.82 -0.45 -10.35
CA ILE A 241 -11.86 0.61 -9.30
C ILE A 241 -13.11 1.44 -9.51
N ARG A 242 -13.32 1.92 -10.72
CA ARG A 242 -14.53 2.71 -11.05
C ARG A 242 -15.76 1.86 -10.72
N SER A 243 -15.81 0.62 -11.19
CA SER A 243 -17.04 -0.21 -11.11
C SER A 243 -17.42 -0.44 -9.65
N HIS A 244 -16.46 -0.51 -8.72
CA HIS A 244 -16.78 -0.89 -7.32
C HIS A 244 -16.91 0.35 -6.44
N THR A 245 -16.65 1.53 -7.00
CA THR A 245 -16.85 2.85 -6.32
C THR A 245 -18.00 3.59 -7.01
#